data_3SNV
#
_entry.id   3SNV
#
_cell.length_a   56.667
_cell.length_b   56.667
_cell.length_c   81.102
_cell.angle_alpha   90.000
_cell.angle_beta   90.000
_cell.angle_gamma   90.000
#
_symmetry.space_group_name_H-M   'P 43'
#
loop_
_entity.id
_entity.type
_entity.pdbx_description
1 polymer 'Symfoil-4T/Permutation #1 synthetic protein'
2 non-polymer 2-AMINO-2-HYDROXYMETHYL-PROPANE-1,3-DIOL
3 non-polymer 'SULFATE ION'
4 water water
#
_entity_poly.entity_id   1
_entity_poly.type   'polypeptide(L)'
_entity_poly.pdbx_seq_one_letter_code
;MHHHHHHFNLPPGNYKKGGQYLRINPDGTVDGTRDRSDTHIQFQISPEGNGEVLLKSTETGQYLRINPDGTVDGTRDRSD
THIQFQISPEGNGEVLLKSTETGQYLRINPDGTVDGTRDRSDTHIQFQISPEGNGEVLLKSTE
;
_entity_poly.pdbx_strand_id   A,B
#
# COMPACT_ATOMS: atom_id res chain seq x y z
N GLY A 19 -20.35 -14.33 -1.86
CA GLY A 19 -19.16 -14.30 -1.02
C GLY A 19 -18.15 -13.26 -1.49
N GLN A 20 -17.62 -12.50 -0.56
CA GLN A 20 -16.74 -11.38 -0.89
C GLN A 20 -15.33 -11.59 -0.33
N TYR A 21 -14.34 -10.95 -0.95
CA TYR A 21 -12.98 -10.99 -0.45
C TYR A 21 -12.72 -9.81 0.46
N LEU A 22 -12.13 -10.07 1.62
CA LEU A 22 -11.75 -9.02 2.56
C LEU A 22 -10.71 -8.10 1.93
N ARG A 23 -10.89 -6.80 2.10
CA ARG A 23 -10.03 -5.82 1.46
C ARG A 23 -9.64 -4.70 2.41
N ILE A 24 -8.35 -4.38 2.45
CA ILE A 24 -7.88 -3.21 3.18
C ILE A 24 -7.43 -2.14 2.19
N ASN A 25 -8.14 -1.02 2.17
CA ASN A 25 -7.83 0.03 1.21
C ASN A 25 -6.68 0.91 1.68
N PRO A 26 -6.03 1.60 0.73
CA PRO A 26 -4.89 2.47 1.05
C PRO A 26 -5.25 3.55 2.07
N ASP A 27 -6.50 3.99 2.09
CA ASP A 27 -6.92 5.03 3.02
C ASP A 27 -7.21 4.49 4.42
N GLY A 28 -7.13 3.17 4.57
CA GLY A 28 -7.23 2.55 5.88
C GLY A 28 -8.57 1.92 6.17
N THR A 29 -9.54 2.15 5.29
CA THR A 29 -10.86 1.56 5.45
C THR A 29 -10.86 0.10 5.02
N VAL A 30 -11.74 -0.69 5.63
CA VAL A 30 -11.85 -2.10 5.30
C VAL A 30 -13.24 -2.42 4.78
N ASP A 31 -13.31 -3.16 3.67
CA ASP A 31 -14.59 -3.59 3.11
C ASP A 31 -14.46 -4.93 2.40
N GLY A 32 -15.53 -5.32 1.72
CA GLY A 32 -15.53 -6.53 0.91
C GLY A 32 -15.62 -6.23 -0.57
N THR A 33 -15.15 -7.15 -1.40
CA THR A 33 -15.24 -7.01 -2.84
C THR A 33 -15.23 -8.37 -3.52
N ARG A 34 -15.90 -8.48 -4.67
CA ARG A 34 -15.95 -9.73 -5.43
C ARG A 34 -14.88 -9.80 -6.52
N ASP A 35 -14.20 -8.68 -6.76
CA ASP A 35 -13.12 -8.63 -7.73
C ASP A 35 -11.85 -9.27 -7.18
N ARG A 36 -11.54 -10.48 -7.64
CA ARG A 36 -10.35 -11.18 -7.16
C ARG A 36 -9.06 -10.56 -7.69
N SER A 37 -9.17 -9.63 -8.63
CA SER A 37 -8.00 -8.99 -9.22
C SER A 37 -7.57 -7.74 -8.44
N ASP A 38 -8.32 -7.43 -7.39
CA ASP A 38 -7.97 -6.32 -6.51
C ASP A 38 -6.64 -6.64 -5.85
N THR A 39 -5.78 -5.63 -5.68
CA THR A 39 -4.46 -5.84 -5.12
C THR A 39 -4.45 -5.75 -3.60
N HIS A 40 -5.59 -5.42 -3.02
CA HIS A 40 -5.66 -5.14 -1.59
C HIS A 40 -6.37 -6.23 -0.81
N ILE A 41 -6.50 -7.41 -1.42
CA ILE A 41 -7.15 -8.55 -0.78
C ILE A 41 -6.14 -9.64 -0.40
N GLN A 42 -4.89 -9.47 -0.81
CA GLN A 42 -3.83 -10.42 -0.48
C GLN A 42 -3.31 -10.17 0.93
N PHE A 43 -3.26 -11.23 1.74
CA PHE A 43 -2.88 -11.10 3.14
C PHE A 43 -1.73 -11.98 3.52
N GLN A 44 -0.80 -11.43 4.28
CA GLN A 44 0.23 -12.21 4.93
C GLN A 44 -0.20 -12.55 6.36
N ILE A 45 -0.40 -13.83 6.64
CA ILE A 45 -0.69 -14.27 8.00
C ILE A 45 0.60 -14.66 8.73
N SER A 46 0.97 -13.86 9.72
CA SER A 46 2.23 -14.08 10.44
C SER A 46 1.98 -14.64 11.83
N PRO A 47 2.52 -15.83 12.12
CA PRO A 47 2.37 -16.48 13.42
C PRO A 47 2.83 -15.56 14.54
N GLU A 48 2.17 -15.66 15.69
CA GLU A 48 2.41 -14.74 16.79
C GLU A 48 2.63 -15.50 18.09
N GLY A 49 2.30 -16.79 18.08
CA GLY A 49 2.29 -17.59 19.29
C GLY A 49 0.94 -17.49 19.96
N ASN A 50 0.65 -18.44 20.85
CA ASN A 50 -0.65 -18.49 21.52
C ASN A 50 -1.76 -18.98 20.61
N GLY A 51 -1.38 -19.39 19.40
CA GLY A 51 -2.35 -19.69 18.36
C GLY A 51 -2.93 -18.40 17.81
N GLU A 52 -2.21 -17.30 18.06
CA GLU A 52 -2.62 -15.99 17.55
C GLU A 52 -1.76 -15.56 16.37
N VAL A 53 -2.33 -14.71 15.52
CA VAL A 53 -1.67 -14.29 14.30
C VAL A 53 -1.94 -12.83 13.99
N LEU A 54 -1.23 -12.31 12.99
CA LEU A 54 -1.54 -10.99 12.44
C LEU A 54 -2.03 -11.15 11.02
N LEU A 55 -2.95 -10.28 10.60
CA LEU A 55 -3.43 -10.28 9.22
C LEU A 55 -2.97 -9.00 8.55
N LYS A 56 -1.98 -9.13 7.68
CA LYS A 56 -1.34 -7.98 7.06
C LYS A 56 -1.62 -7.92 5.57
N SER A 57 -2.23 -6.82 5.13
CA SER A 57 -2.48 -6.60 3.72
C SER A 57 -1.17 -6.19 3.05
N THR A 58 -0.64 -7.06 2.20
CA THR A 58 0.72 -6.90 1.69
C THR A 58 0.88 -5.68 0.77
N GLU A 59 -0.21 -5.27 0.13
CA GLU A 59 -0.16 -4.13 -0.80
C GLU A 59 0.19 -2.82 -0.10
N THR A 60 -0.32 -2.64 1.11
CA THR A 60 -0.18 -1.37 1.83
C THR A 60 0.53 -1.49 3.17
N GLY A 61 0.87 -2.73 3.56
CA GLY A 61 1.58 -2.96 4.80
C GLY A 61 0.71 -2.69 6.02
N GLN A 62 -0.61 -2.77 5.85
CA GLN A 62 -1.53 -2.50 6.93
C GLN A 62 -2.07 -3.77 7.57
N TYR A 63 -2.20 -3.76 8.89
CA TYR A 63 -2.76 -4.88 9.63
C TYR A 63 -4.26 -4.69 9.85
N LEU A 64 -5.00 -5.77 9.76
CA LEU A 64 -6.42 -5.76 10.04
C LEU A 64 -6.64 -5.50 11.53
N ARG A 65 -7.55 -4.59 11.84
CA ARG A 65 -7.82 -4.22 13.22
C ARG A 65 -9.30 -4.16 13.50
N ILE A 66 -9.74 -4.80 14.59
CA ILE A 66 -11.11 -4.62 15.06
C ILE A 66 -11.11 -3.74 16.30
N ASN A 67 -11.80 -2.60 16.20
CA ASN A 67 -11.89 -1.66 17.31
C ASN A 67 -13.00 -2.06 18.27
N PRO A 68 -12.83 -1.74 19.56
CA PRO A 68 -13.82 -2.11 20.59
C PRO A 68 -15.24 -1.64 20.28
N ASP A 69 -15.38 -0.58 19.49
CA ASP A 69 -16.70 -0.04 19.19
C ASP A 69 -17.41 -0.80 18.06
N GLY A 70 -16.68 -1.68 17.39
CA GLY A 70 -17.27 -2.56 16.40
C GLY A 70 -16.83 -2.29 14.97
N THR A 71 -16.14 -1.17 14.76
CA THR A 71 -15.62 -0.83 13.45
C THR A 71 -14.37 -1.64 13.13
N VAL A 72 -14.10 -1.82 11.84
CA VAL A 72 -12.89 -2.51 11.40
C VAL A 72 -12.12 -1.62 10.45
N ASP A 73 -10.81 -1.53 10.67
CA ASP A 73 -9.97 -0.70 9.82
C ASP A 73 -8.55 -1.23 9.72
N GLY A 74 -7.67 -0.45 9.11
CA GLY A 74 -6.29 -0.86 8.93
C GLY A 74 -5.32 0.02 9.67
N THR A 75 -4.24 -0.58 10.16
CA THR A 75 -3.18 0.18 10.79
C THR A 75 -1.82 -0.45 10.52
N ARG A 76 -0.79 0.38 10.44
CA ARG A 76 0.57 -0.11 10.27
C ARG A 76 1.26 -0.19 11.63
N ASP A 77 0.57 0.26 12.67
CA ASP A 77 1.09 0.23 14.03
C ASP A 77 1.12 -1.20 14.56
N ARG A 78 2.29 -1.82 14.48
CA ARG A 78 2.46 -3.20 14.90
C ARG A 78 2.33 -3.39 16.42
N SER A 79 2.46 -2.30 17.17
CA SER A 79 2.33 -2.36 18.63
C SER A 79 0.88 -2.30 19.10
N ASP A 80 -0.03 -2.01 18.17
CA ASP A 80 -1.46 -1.90 18.48
C ASP A 80 -1.99 -3.26 18.90
N THR A 81 -2.71 -3.29 20.04
CA THR A 81 -3.15 -4.55 20.63
C THR A 81 -4.38 -5.14 19.96
N HIS A 82 -4.95 -4.42 19.00
CA HIS A 82 -6.19 -4.86 18.36
C HIS A 82 -5.96 -5.51 17.02
N ILE A 83 -4.70 -5.83 16.70
CA ILE A 83 -4.41 -6.51 15.44
C ILE A 83 -4.15 -8.01 15.63
N GLN A 84 -4.17 -8.47 16.88
CA GLN A 84 -3.98 -9.89 17.17
C GLN A 84 -5.27 -10.67 17.00
N PHE A 85 -5.19 -11.75 16.23
CA PHE A 85 -6.37 -12.56 15.92
C PHE A 85 -6.18 -14.02 16.29
N GLN A 86 -7.29 -14.69 16.57
CA GLN A 86 -7.31 -16.13 16.70
C GLN A 86 -8.10 -16.70 15.53
N ILE A 87 -7.45 -17.54 14.73
CA ILE A 87 -8.14 -18.27 13.69
C ILE A 87 -8.72 -19.57 14.28
N SER A 88 -10.03 -19.70 14.21
CA SER A 88 -10.70 -20.89 14.73
C SER A 88 -11.46 -21.62 13.62
N PRO A 89 -11.02 -22.85 13.30
CA PRO A 89 -11.60 -23.68 12.24
C PRO A 89 -13.02 -24.12 12.59
N GLU A 90 -13.90 -24.19 11.59
CA GLU A 90 -15.30 -24.53 11.82
C GLU A 90 -15.83 -25.46 10.73
N GLY A 91 -15.05 -26.48 10.40
CA GLY A 91 -15.44 -27.49 9.44
C GLY A 91 -15.79 -26.93 8.07
N ASN A 92 -15.83 -27.81 7.08
CA ASN A 92 -16.25 -27.46 5.73
C ASN A 92 -15.23 -26.56 5.05
N GLY A 93 -14.12 -26.32 5.73
CA GLY A 93 -13.07 -25.45 5.21
C GLY A 93 -13.11 -24.07 5.83
N GLU A 94 -14.22 -23.75 6.48
CA GLU A 94 -14.44 -22.41 7.00
C GLU A 94 -13.72 -22.15 8.32
N VAL A 95 -13.32 -20.91 8.53
CA VAL A 95 -12.72 -20.48 9.79
C VAL A 95 -13.38 -19.20 10.27
N LEU A 96 -13.22 -18.90 11.55
CA LEU A 96 -13.64 -17.62 12.10
C LEU A 96 -12.39 -16.81 12.45
N LEU A 97 -12.52 -15.50 12.44
CA LEU A 97 -11.41 -14.62 12.77
C LEU A 97 -11.78 -13.74 13.95
N LYS A 98 -11.29 -14.09 15.13
CA LYS A 98 -11.65 -13.37 16.35
C LYS A 98 -10.58 -12.39 16.81
N SER A 99 -10.98 -11.14 16.99
CA SER A 99 -10.12 -10.14 17.61
C SER A 99 -9.85 -10.54 19.06
N THR A 100 -8.61 -10.92 19.33
CA THR A 100 -8.19 -11.35 20.66
C THR A 100 -8.58 -10.35 21.75
N GLU A 101 -8.28 -9.08 21.50
CA GLU A 101 -8.39 -8.06 22.53
C GLU A 101 -9.82 -7.66 22.88
N THR A 102 -10.75 -7.83 21.95
CA THR A 102 -12.13 -7.42 22.16
C THR A 102 -13.12 -8.58 22.10
N GLY A 103 -12.66 -9.73 21.62
CA GLY A 103 -13.50 -10.91 21.54
C GLY A 103 -14.49 -10.87 20.40
N GLN A 104 -14.29 -9.92 19.49
CA GLN A 104 -15.20 -9.76 18.34
C GLN A 104 -14.77 -10.59 17.14
N TYR A 105 -15.75 -11.11 16.42
CA TYR A 105 -15.48 -11.85 15.19
C TYR A 105 -15.63 -10.93 13.98
N LEU A 106 -14.74 -11.12 13.00
CA LEU A 106 -14.79 -10.35 11.77
C LEU A 106 -16.03 -10.72 10.96
N ARG A 107 -16.77 -9.72 10.53
CA ARG A 107 -17.96 -9.94 9.73
C ARG A 107 -17.95 -9.12 8.46
N ILE A 108 -18.21 -9.78 7.34
CA ILE A 108 -18.46 -9.07 6.09
C ILE A 108 -19.96 -9.11 5.78
N ASN A 109 -20.58 -7.94 5.79
CA ASN A 109 -22.02 -7.85 5.60
C ASN A 109 -22.39 -7.87 4.12
N PRO A 110 -23.62 -8.31 3.81
CA PRO A 110 -24.12 -8.36 2.43
C PRO A 110 -23.91 -7.06 1.66
N ASP A 111 -23.94 -5.92 2.36
CA ASP A 111 -23.81 -4.63 1.70
C ASP A 111 -22.36 -4.26 1.40
N GLY A 112 -21.43 -5.08 1.86
CA GLY A 112 -20.01 -4.88 1.58
C GLY A 112 -19.23 -4.24 2.70
N THR A 113 -19.93 -3.79 3.74
CA THR A 113 -19.27 -3.22 4.89
C THR A 113 -18.70 -4.33 5.77
N VAL A 114 -17.68 -3.98 6.56
CA VAL A 114 -17.04 -4.96 7.42
C VAL A 114 -17.02 -4.43 8.85
N ASP A 115 -17.51 -5.24 9.78
CA ASP A 115 -17.50 -4.85 11.18
C ASP A 115 -17.20 -6.04 12.10
N GLY A 116 -17.31 -5.81 13.40
CA GLY A 116 -17.07 -6.87 14.37
C GLY A 116 -18.34 -7.22 15.11
N THR A 117 -18.52 -8.50 15.40
CA THR A 117 -19.67 -8.97 16.17
C THR A 117 -19.25 -10.03 17.18
N ARG A 118 -19.96 -10.09 18.29
CA ARG A 118 -19.61 -11.02 19.36
C ARG A 118 -20.53 -12.23 19.41
N ASP A 119 -21.38 -12.40 18.41
CA ASP A 119 -22.25 -13.58 18.36
C ASP A 119 -21.76 -14.60 17.32
N ARG A 120 -21.31 -15.75 17.83
CA ARG A 120 -20.68 -16.78 17.00
C ARG A 120 -21.70 -17.46 16.08
N SER A 121 -22.95 -17.05 16.20
CA SER A 121 -24.03 -17.66 15.42
C SER A 121 -24.28 -16.90 14.12
N ASP A 122 -23.57 -15.80 13.94
CA ASP A 122 -23.77 -14.94 12.78
C ASP A 122 -23.50 -15.68 11.47
N THR A 123 -24.23 -15.32 10.43
CA THR A 123 -24.16 -16.04 9.15
C THR A 123 -23.02 -15.55 8.27
N HIS A 124 -22.42 -14.43 8.65
CA HIS A 124 -21.45 -13.76 7.79
C HIS A 124 -20.08 -13.60 8.42
N ILE A 125 -19.77 -14.45 9.40
CA ILE A 125 -18.48 -14.38 10.07
C ILE A 125 -17.56 -15.55 9.68
N GLN A 126 -18.08 -16.45 8.85
CA GLN A 126 -17.30 -17.60 8.39
C GLN A 126 -16.52 -17.29 7.12
N PHE A 127 -15.23 -17.58 7.13
CA PHE A 127 -14.37 -17.32 5.99
C PHE A 127 -13.74 -18.61 5.47
N GLN A 128 -13.47 -18.64 4.17
CA GLN A 128 -12.61 -19.67 3.61
C GLN A 128 -11.30 -19.03 3.18
N ILE A 129 -10.19 -19.63 3.60
CA ILE A 129 -8.88 -19.10 3.27
C ILE A 129 -8.40 -19.69 1.94
N SER A 130 -8.00 -18.82 1.03
CA SER A 130 -7.57 -19.23 -0.30
C SER A 130 -6.13 -18.83 -0.55
N PRO A 131 -5.25 -19.83 -0.77
CA PRO A 131 -3.84 -19.56 -1.03
C PRO A 131 -3.64 -18.92 -2.40
N GLU A 132 -2.76 -17.93 -2.47
CA GLU A 132 -2.49 -17.22 -3.72
C GLU A 132 -1.37 -17.91 -4.51
N GLY A 133 -0.55 -18.69 -3.81
CA GLY A 133 0.52 -19.44 -4.45
C GLY A 133 1.91 -18.94 -4.08
N ASN A 134 1.96 -17.84 -3.34
CA ASN A 134 3.22 -17.19 -2.99
C ASN A 134 3.38 -17.03 -1.49
N GLY A 135 2.55 -17.73 -0.73
CA GLY A 135 2.53 -17.61 0.71
C GLY A 135 1.38 -16.75 1.21
N GLU A 136 0.90 -15.86 0.34
CA GLU A 136 -0.18 -14.94 0.69
C GLU A 136 -1.55 -15.58 0.44
N VAL A 137 -2.52 -15.19 1.25
CA VAL A 137 -3.83 -15.80 1.22
C VAL A 137 -4.95 -14.78 1.07
N LEU A 138 -6.07 -15.22 0.50
CA LEU A 138 -7.26 -14.40 0.44
C LEU A 138 -8.23 -14.82 1.53
N LEU A 139 -8.95 -13.85 2.09
CA LEU A 139 -9.96 -14.14 3.10
C LEU A 139 -11.35 -13.88 2.55
N LYS A 140 -12.03 -14.96 2.15
CA LYS A 140 -13.31 -14.85 1.46
C LYS A 140 -14.46 -15.31 2.34
N SER A 141 -15.48 -14.46 2.46
CA SER A 141 -16.68 -14.80 3.23
C SER A 141 -17.52 -15.81 2.46
N THR A 142 -18.01 -16.82 3.17
CA THR A 142 -18.86 -17.82 2.55
C THR A 142 -20.31 -17.34 2.46
N GLU A 143 -20.74 -17.02 1.25
CA GLU A 143 -22.12 -16.62 0.99
C GLU A 143 -22.49 -16.80 -0.47
N GLY B 19 21.43 15.61 -2.69
CA GLY B 19 21.79 16.33 -3.90
C GLY B 19 21.82 15.43 -5.12
N GLN B 20 20.87 14.50 -5.18
CA GLN B 20 20.76 13.60 -6.32
C GLN B 20 19.47 13.84 -7.10
N TYR B 21 19.58 13.87 -8.42
CA TYR B 21 18.40 13.99 -9.26
C TYR B 21 17.85 12.60 -9.56
N LEU B 22 16.54 12.46 -9.41
CA LEU B 22 15.84 11.22 -9.70
C LEU B 22 15.94 10.92 -11.20
N ARG B 23 16.27 9.68 -11.54
CA ARG B 23 16.49 9.30 -12.93
C ARG B 23 15.78 8.00 -13.28
N ILE B 24 15.07 8.02 -14.41
CA ILE B 24 14.51 6.80 -14.98
C ILE B 24 15.29 6.44 -16.23
N ASN B 25 16.00 5.33 -16.17
CA ASN B 25 16.83 4.90 -17.29
C ASN B 25 16.00 4.22 -18.38
N PRO B 26 16.55 4.15 -19.60
CA PRO B 26 15.84 3.52 -20.73
C PRO B 26 15.47 2.07 -20.44
N ASP B 27 16.28 1.37 -19.63
CA ASP B 27 16.02 -0.04 -19.32
C ASP B 27 14.96 -0.20 -18.23
N GLY B 28 14.45 0.92 -17.71
CA GLY B 28 13.34 0.89 -16.79
C GLY B 28 13.73 0.96 -15.33
N THR B 29 15.03 0.97 -15.05
CA THR B 29 15.50 1.08 -13.68
C THR B 29 15.47 2.54 -13.24
N VAL B 30 15.35 2.76 -11.93
CA VAL B 30 15.31 4.10 -11.38
C VAL B 30 16.42 4.28 -10.35
N ASP B 31 17.18 5.35 -10.48
CA ASP B 31 18.24 5.65 -9.51
C ASP B 31 18.46 7.14 -9.37
N GLY B 32 19.45 7.50 -8.56
CA GLY B 32 19.84 8.90 -8.40
C GLY B 32 21.13 9.22 -9.13
N THR B 33 21.25 10.46 -9.59
CA THR B 33 22.45 10.93 -10.28
C THR B 33 22.72 12.39 -9.94
N ARG B 34 23.99 12.76 -9.87
CA ARG B 34 24.36 14.14 -9.56
C ARG B 34 24.67 14.95 -10.81
N ASP B 35 24.61 14.30 -11.97
CA ASP B 35 24.82 14.97 -13.25
C ASP B 35 23.54 15.64 -13.73
N ARG B 36 23.47 16.96 -13.64
CA ARG B 36 22.27 17.68 -14.06
C ARG B 36 22.15 17.74 -15.59
N SER B 37 23.12 17.17 -16.29
CA SER B 37 23.12 17.17 -17.75
C SER B 37 22.52 15.88 -18.30
N ASP B 38 22.28 14.91 -17.42
CA ASP B 38 21.63 13.67 -17.81
C ASP B 38 20.25 14.01 -18.38
N THR B 39 19.88 13.33 -19.46
CA THR B 39 18.63 13.65 -20.14
C THR B 39 17.45 12.85 -19.58
N HIS B 40 17.71 12.05 -18.56
CA HIS B 40 16.70 11.17 -18.00
C HIS B 40 16.20 11.63 -16.63
N ILE B 41 16.48 12.89 -16.29
CA ILE B 41 16.05 13.43 -15.01
C ILE B 41 14.88 14.40 -15.14
N GLN B 42 14.49 14.71 -16.37
CA GLN B 42 13.39 15.64 -16.61
C GLN B 42 12.04 14.95 -16.54
N PHE B 43 11.13 15.51 -15.75
CA PHE B 43 9.82 14.91 -15.53
C PHE B 43 8.68 15.85 -15.91
N GLN B 44 7.66 15.28 -16.52
CA GLN B 44 6.40 15.99 -16.70
C GLN B 44 5.39 15.56 -15.64
N ILE B 45 5.04 16.48 -14.74
CA ILE B 45 4.02 16.21 -13.75
C ILE B 45 2.63 16.50 -14.31
N SER B 46 1.78 15.47 -14.38
CA SER B 46 0.45 15.62 -14.96
C SER B 46 -0.63 15.40 -13.91
N PRO B 47 -1.51 16.40 -13.74
CA PRO B 47 -2.59 16.30 -12.76
C PRO B 47 -3.48 15.08 -13.03
N GLU B 48 -3.82 14.36 -11.97
CA GLU B 48 -4.77 13.27 -12.06
C GLU B 48 -6.04 13.63 -11.33
N GLY B 49 -6.87 12.62 -11.10
CA GLY B 49 -8.05 12.77 -10.29
C GLY B 49 -7.72 12.76 -8.82
N ASN B 50 -8.09 13.84 -8.15
CA ASN B 50 -8.10 13.89 -6.69
C ASN B 50 -6.74 14.22 -6.06
N GLY B 51 -6.16 15.34 -6.47
CA GLY B 51 -4.91 15.80 -5.92
C GLY B 51 -3.75 14.84 -6.15
N GLU B 52 -3.96 13.88 -7.03
CA GLU B 52 -2.89 12.94 -7.39
C GLU B 52 -2.28 13.34 -8.72
N VAL B 53 -1.03 12.95 -8.93
CA VAL B 53 -0.33 13.27 -10.17
C VAL B 53 0.41 12.05 -10.72
N LEU B 54 0.86 12.16 -11.97
CA LEU B 54 1.77 11.18 -12.54
C LEU B 54 3.14 11.80 -12.69
N LEU B 55 4.18 10.99 -12.57
CA LEU B 55 5.55 11.46 -12.75
C LEU B 55 6.15 10.78 -13.98
N LYS B 56 6.21 11.53 -15.07
CA LYS B 56 6.61 10.98 -16.36
C LYS B 56 7.95 11.49 -16.82
N SER B 57 8.89 10.58 -17.04
CA SER B 57 10.21 10.92 -17.56
C SER B 57 10.10 11.13 -19.07
N THR B 58 10.21 12.38 -19.50
CA THR B 58 9.91 12.74 -20.89
C THR B 58 10.82 12.08 -21.92
N GLU B 59 12.06 11.78 -21.52
CA GLU B 59 13.02 11.20 -22.45
C GLU B 59 12.59 9.83 -22.97
N THR B 60 12.00 9.02 -22.09
CA THR B 60 11.65 7.64 -22.43
C THR B 60 10.14 7.38 -22.41
N GLY B 61 9.38 8.35 -21.91
CA GLY B 61 7.94 8.19 -21.81
C GLY B 61 7.53 7.24 -20.69
N GLN B 62 8.42 7.08 -19.71
CA GLN B 62 8.16 6.16 -18.61
C GLN B 62 7.67 6.88 -17.36
N TYR B 63 6.67 6.29 -16.70
CA TYR B 63 6.15 6.81 -15.45
C TYR B 63 6.88 6.17 -14.28
N LEU B 64 7.11 6.95 -13.23
CA LEU B 64 7.70 6.43 -12.01
C LEU B 64 6.70 5.51 -11.32
N ARG B 65 7.19 4.39 -10.81
CA ARG B 65 6.33 3.42 -10.14
C ARG B 65 6.98 2.87 -8.89
N ILE B 66 6.27 2.93 -7.77
CA ILE B 66 6.69 2.26 -6.55
C ILE B 66 5.91 0.97 -6.39
N ASN B 67 6.63 -0.14 -6.31
CA ASN B 67 6.02 -1.45 -6.18
C ASN B 67 5.78 -1.80 -4.70
N PRO B 68 4.77 -2.64 -4.44
CA PRO B 68 4.42 -3.06 -3.07
C PRO B 68 5.61 -3.59 -2.29
N ASP B 69 6.58 -4.22 -2.97
CA ASP B 69 7.72 -4.84 -2.29
C ASP B 69 8.80 -3.83 -1.90
N GLY B 70 8.66 -2.60 -2.39
CA GLY B 70 9.56 -1.53 -2.00
C GLY B 70 10.48 -1.06 -3.11
N THR B 71 10.59 -1.86 -4.17
CA THR B 71 11.41 -1.49 -5.32
C THR B 71 10.76 -0.35 -6.09
N VAL B 72 11.57 0.40 -6.83
CA VAL B 72 11.07 1.49 -7.66
C VAL B 72 11.62 1.35 -9.07
N ASP B 73 10.73 1.41 -10.05
CA ASP B 73 11.13 1.31 -11.45
C ASP B 73 10.22 2.15 -12.34
N GLY B 74 10.39 2.02 -13.65
CA GLY B 74 9.60 2.77 -14.60
C GLY B 74 8.69 1.88 -15.42
N THR B 75 7.61 2.46 -15.91
CA THR B 75 6.67 1.75 -16.76
C THR B 75 5.94 2.72 -17.69
N ARG B 76 5.57 2.25 -18.86
CA ARG B 76 4.83 3.06 -19.82
C ARG B 76 3.34 2.79 -19.71
N ASP B 77 2.99 1.78 -18.92
CA ASP B 77 1.60 1.41 -18.72
C ASP B 77 0.85 2.44 -17.89
N ARG B 78 0.15 3.34 -18.58
CA ARG B 78 -0.62 4.40 -17.95
C ARG B 78 -1.76 3.87 -17.07
N SER B 79 -2.20 2.65 -17.35
CA SER B 79 -3.29 2.05 -16.59
C SER B 79 -2.78 1.28 -15.35
N ASP B 80 -1.53 1.54 -14.98
CA ASP B 80 -0.94 0.93 -13.80
C ASP B 80 -1.39 1.71 -12.57
N THR B 81 -1.86 1.00 -11.55
CA THR B 81 -2.37 1.65 -10.35
C THR B 81 -1.25 2.19 -9.45
N HIS B 82 -0.02 1.78 -9.73
CA HIS B 82 1.10 2.13 -8.85
C HIS B 82 1.87 3.37 -9.29
N ILE B 83 1.40 4.03 -10.36
CA ILE B 83 2.07 5.23 -10.85
C ILE B 83 1.45 6.52 -10.31
N GLN B 84 0.35 6.40 -9.56
CA GLN B 84 -0.29 7.56 -8.96
C GLN B 84 0.44 8.04 -7.72
N PHE B 85 0.72 9.33 -7.67
CA PHE B 85 1.45 9.92 -6.55
C PHE B 85 0.68 11.08 -5.93
N GLN B 86 0.95 11.31 -4.65
CA GLN B 86 0.51 12.52 -3.98
C GLN B 86 1.75 13.30 -3.60
N ILE B 87 1.82 14.55 -4.05
CA ILE B 87 2.91 15.43 -3.63
C ILE B 87 2.53 16.12 -2.33
N SER B 88 3.20 15.75 -1.25
CA SER B 88 2.93 16.32 0.07
C SER B 88 3.89 17.46 0.38
N PRO B 89 3.34 18.68 0.50
CA PRO B 89 4.12 19.85 0.92
C PRO B 89 4.70 19.65 2.31
N GLU B 90 5.97 20.01 2.50
CA GLU B 90 6.63 19.83 3.78
C GLU B 90 7.57 20.98 4.13
N GLY B 91 7.21 22.19 3.71
CA GLY B 91 7.95 23.39 4.05
C GLY B 91 9.39 23.40 3.57
N ASN B 92 10.04 24.54 3.71
CA ASN B 92 11.42 24.73 3.29
C ASN B 92 11.58 24.63 1.77
N GLY B 93 10.46 24.48 1.07
CA GLY B 93 10.47 24.28 -0.36
C GLY B 93 10.48 22.80 -0.71
N GLU B 94 10.64 21.97 0.31
CA GLU B 94 10.70 20.53 0.12
C GLU B 94 9.32 19.91 -0.01
N VAL B 95 9.25 18.77 -0.69
CA VAL B 95 8.01 18.00 -0.76
C VAL B 95 8.31 16.52 -0.62
N LEU B 96 7.28 15.74 -0.31
CA LEU B 96 7.39 14.29 -0.28
C LEU B 96 6.59 13.72 -1.45
N LEU B 97 7.00 12.54 -1.92
CA LEU B 97 6.33 11.90 -3.04
C LEU B 97 5.77 10.54 -2.60
N LYS B 98 4.46 10.50 -2.36
CA LYS B 98 3.84 9.33 -1.76
C LYS B 98 3.08 8.49 -2.78
N SER B 99 3.49 7.23 -2.92
CA SER B 99 2.77 6.28 -3.74
C SER B 99 1.36 6.05 -3.20
N THR B 100 0.37 6.46 -3.96
CA THR B 100 -1.02 6.36 -3.54
C THR B 100 -1.42 4.93 -3.15
N GLU B 101 -1.07 3.97 -4.01
CA GLU B 101 -1.59 2.62 -3.88
C GLU B 101 -0.97 1.81 -2.75
N THR B 102 0.27 2.10 -2.40
CA THR B 102 0.99 1.32 -1.39
C THR B 102 1.32 2.12 -0.15
N GLY B 103 1.16 3.44 -0.23
CA GLY B 103 1.43 4.31 0.89
C GLY B 103 2.92 4.52 1.16
N GLN B 104 3.74 4.20 0.16
CA GLN B 104 5.18 4.35 0.28
C GLN B 104 5.67 5.70 -0.21
N TYR B 105 6.68 6.24 0.46
CA TYR B 105 7.34 7.47 0.03
C TYR B 105 8.57 7.14 -0.81
N LEU B 106 8.81 7.95 -1.82
CA LEU B 106 9.97 7.80 -2.68
C LEU B 106 11.24 8.19 -1.92
N ARG B 107 12.24 7.32 -1.97
CA ARG B 107 13.49 7.58 -1.28
C ARG B 107 14.70 7.45 -2.20
N ILE B 108 15.59 8.43 -2.16
CA ILE B 108 16.89 8.30 -2.80
C ILE B 108 17.96 8.11 -1.74
N ASN B 109 18.58 6.93 -1.74
CA ASN B 109 19.59 6.59 -0.75
C ASN B 109 20.96 7.13 -1.13
N PRO B 110 21.82 7.36 -0.12
CA PRO B 110 23.17 7.89 -0.33
C PRO B 110 23.96 7.11 -1.39
N ASP B 111 23.71 5.82 -1.52
CA ASP B 111 24.46 5.00 -2.47
C ASP B 111 23.95 5.13 -3.91
N GLY B 112 22.88 5.91 -4.10
CA GLY B 112 22.34 6.15 -5.42
C GLY B 112 21.12 5.30 -5.77
N THR B 113 20.83 4.30 -4.96
CA THR B 113 19.66 3.45 -5.19
C THR B 113 18.39 4.20 -4.83
N VAL B 114 17.28 3.79 -5.42
CA VAL B 114 16.00 4.42 -5.16
C VAL B 114 14.99 3.36 -4.77
N ASP B 115 14.34 3.57 -3.62
CA ASP B 115 13.31 2.63 -3.17
C ASP B 115 12.18 3.34 -2.44
N GLY B 116 11.27 2.56 -1.88
CA GLY B 116 10.14 3.11 -1.15
C GLY B 116 10.20 2.81 0.33
N THR B 117 9.69 3.74 1.13
CA THR B 117 9.62 3.57 2.57
C THR B 117 8.33 4.17 3.10
N ARG B 118 7.86 3.65 4.23
CA ARG B 118 6.65 4.19 4.84
C ARG B 118 7.01 4.99 6.10
N ASP B 119 8.30 5.18 6.32
CA ASP B 119 8.78 5.95 7.46
C ASP B 119 8.92 7.43 7.10
N ARG B 120 7.93 8.22 7.53
CA ARG B 120 7.89 9.63 7.18
C ARG B 120 9.04 10.42 7.81
N SER B 121 9.73 9.81 8.77
CA SER B 121 10.83 10.48 9.45
C SER B 121 12.15 10.28 8.71
N ASP B 122 12.15 9.43 7.69
CA ASP B 122 13.35 9.19 6.90
C ASP B 122 13.85 10.53 6.37
N THR B 123 15.16 10.72 6.38
CA THR B 123 15.76 11.99 5.99
C THR B 123 16.20 11.98 4.53
N HIS B 124 15.75 10.97 3.78
CA HIS B 124 16.13 10.83 2.38
C HIS B 124 14.89 10.74 1.49
N ILE B 125 13.78 11.31 1.95
CA ILE B 125 12.54 11.28 1.19
C ILE B 125 12.02 12.67 0.85
N GLN B 126 12.76 13.70 1.25
CA GLN B 126 12.38 15.08 0.95
C GLN B 126 13.00 15.53 -0.37
N PHE B 127 12.18 16.11 -1.24
CA PHE B 127 12.61 16.48 -2.57
C PHE B 127 12.47 17.97 -2.85
N GLN B 128 13.33 18.48 -3.72
CA GLN B 128 13.18 19.82 -4.25
C GLN B 128 12.77 19.73 -5.72
N ILE B 129 11.70 20.43 -6.07
CA ILE B 129 11.27 20.50 -7.46
C ILE B 129 11.82 21.76 -8.10
N SER B 130 12.66 21.60 -9.12
CA SER B 130 13.18 22.75 -9.86
C SER B 130 12.77 22.66 -11.33
N PRO B 131 12.22 23.76 -11.86
CA PRO B 131 11.75 23.82 -13.25
C PRO B 131 12.91 23.95 -14.25
N GLU B 132 12.79 23.26 -15.37
CA GLU B 132 13.78 23.34 -16.44
C GLU B 132 13.54 24.60 -17.30
N GLY B 133 12.31 25.09 -17.30
CA GLY B 133 11.95 26.28 -18.05
C GLY B 133 10.96 26.00 -19.15
N ASN B 134 10.69 24.72 -19.40
CA ASN B 134 9.80 24.29 -20.46
C ASN B 134 8.58 23.55 -19.92
N GLY B 135 8.27 23.77 -18.65
CA GLY B 135 7.16 23.09 -18.01
C GLY B 135 7.60 21.83 -17.27
N GLU B 136 8.73 21.27 -17.68
CA GLU B 136 9.26 20.06 -17.06
C GLU B 136 10.06 20.42 -15.81
N VAL B 137 10.26 19.44 -14.95
CA VAL B 137 10.88 19.68 -13.65
C VAL B 137 11.88 18.59 -13.30
N LEU B 138 12.82 18.93 -12.41
CA LEU B 138 13.72 17.94 -11.83
C LEU B 138 13.26 17.61 -10.42
N LEU B 139 13.59 16.42 -9.96
CA LEU B 139 13.24 16.01 -8.60
C LEU B 139 14.51 15.71 -7.82
N LYS B 140 15.00 16.71 -7.09
CA LYS B 140 16.30 16.62 -6.44
C LYS B 140 16.20 16.26 -4.96
N SER B 141 17.10 15.38 -4.53
CA SER B 141 17.15 14.95 -3.14
C SER B 141 17.83 16.00 -2.28
N THR B 142 17.26 16.27 -1.10
CA THR B 142 17.85 17.20 -0.16
C THR B 142 18.87 16.51 0.75
#